data_2QH5
#
_entry.id   2QH5
#
_cell.length_a   57.829
_cell.length_b   66.415
_cell.length_c   163.959
_cell.angle_alpha   90.00
_cell.angle_beta   90.00
_cell.angle_gamma   90.00
#
_symmetry.space_group_name_H-M   'P 21 21 21'
#
loop_
_entity.id
_entity.type
_entity.pdbx_description
1 polymer 'Mannose-6-phosphate isomerase'
2 water water
#
_entity_poly.entity_id   1
_entity_poly.type   'polypeptide(L)'
_entity_poly.pdbx_seq_one_letter_code
;MSLKIKNILLSGGSGKRLWPLSRSLYPKQFLKLFDHKSLFELSFKRNASLVDETLIVCNEKHYFLALEEIKNEIKNKSVG
FLLESLSKNTANAIALSALMSDKEDLLIVTPSDHLIKDLQAYENAIKKAIDLAQKGFLVTFGVSIDKPNTEFGYIESPNG
LDVKRFIEKPSLDKAIEFQKSGGFYFNSGMFVFQAGVFLDELKKHAPTILKGCERAFESLENAYFFEKKIARLSEKSMQD
LEDMSIDIALMQQSHKIKMVELNAKWSDLGNFNALFEEAANEPKENVSLNQTPVFAKESEEGHHHHHH
;
_entity_poly.pdbx_strand_id   A,B
#
# COMPACT_ATOMS: atom_id res chain seq x y z
N LEU A 3 -16.24 5.27 -9.41
CA LEU A 3 -16.08 6.26 -8.28
C LEU A 3 -15.56 7.62 -8.73
N LYS A 4 -16.29 8.68 -8.35
CA LYS A 4 -15.90 10.06 -8.63
C LYS A 4 -14.76 10.47 -7.70
N ILE A 5 -13.85 11.30 -8.20
CA ILE A 5 -12.75 11.80 -7.36
C ILE A 5 -12.74 13.33 -7.35
N LYS A 6 -12.83 13.89 -6.14
CA LYS A 6 -12.92 15.34 -5.95
C LYS A 6 -11.65 15.91 -5.35
N ASN A 7 -11.19 17.02 -5.93
CA ASN A 7 -10.14 17.81 -5.32
C ASN A 7 -10.78 18.85 -4.43
N ILE A 8 -10.44 18.84 -3.15
CA ILE A 8 -10.86 19.89 -2.23
C ILE A 8 -9.69 20.82 -2.02
N LEU A 9 -9.74 21.96 -2.71
CA LEU A 9 -8.62 22.91 -2.76
C LEU A 9 -8.84 23.96 -1.67
N LEU A 10 -8.14 23.81 -0.56
CA LEU A 10 -8.33 24.71 0.57
C LEU A 10 -7.52 25.99 0.42
N SER A 11 -8.21 27.11 0.21
CA SER A 11 -7.57 28.42 0.09
CA SER A 11 -7.57 28.42 0.09
C SER A 11 -7.91 29.37 1.24
N GLY A 12 -9.10 29.19 1.82
CA GLY A 12 -9.54 30.04 2.93
C GLY A 12 -8.63 30.02 4.13
N TYR A 26 -5.05 40.91 0.64
CA TYR A 26 -4.36 40.31 -0.49
C TYR A 26 -3.40 39.21 -0.01
N PRO A 27 -3.93 38.01 0.29
CA PRO A 27 -3.17 36.91 0.90
C PRO A 27 -2.08 36.32 0.02
N LYS A 28 -1.14 35.62 0.67
CA LYS A 28 0.13 35.23 0.07
C LYS A 28 0.04 34.25 -1.10
N GLN A 29 -0.92 33.31 -1.05
CA GLN A 29 -1.02 32.26 -2.06
C GLN A 29 -1.57 32.72 -3.42
N PHE A 30 -1.89 34.00 -3.54
CA PHE A 30 -2.43 34.52 -4.80
C PHE A 30 -1.41 35.29 -5.63
N LEU A 31 -0.25 35.57 -5.05
CA LEU A 31 0.79 36.35 -5.71
C LEU A 31 1.48 35.56 -6.82
N LYS A 32 1.49 36.13 -8.03
CA LYS A 32 1.95 35.43 -9.23
C LYS A 32 3.47 35.45 -9.39
N LEU A 33 4.19 35.21 -8.29
CA LEU A 33 5.63 35.39 -8.23
C LEU A 33 6.44 34.24 -8.85
N PHE A 34 5.95 33.01 -8.70
CA PHE A 34 6.67 31.82 -9.15
C PHE A 34 6.56 31.61 -10.67
N ASP A 35 7.41 32.34 -11.40
CA ASP A 35 7.42 32.38 -12.86
C ASP A 35 6.03 32.66 -13.43
N HIS A 36 5.57 33.89 -13.23
CA HIS A 36 4.25 34.38 -13.68
C HIS A 36 3.05 33.69 -13.02
N LYS A 37 3.30 32.65 -12.23
CA LYS A 37 2.24 31.84 -11.64
C LYS A 37 2.20 31.90 -10.11
N SER A 38 1.02 31.68 -9.56
CA SER A 38 0.81 31.70 -8.12
CA SER A 38 0.80 31.71 -8.12
C SER A 38 0.74 30.30 -7.53
N LEU A 39 0.98 30.19 -6.22
CA LEU A 39 0.87 28.91 -5.52
C LEU A 39 -0.50 28.28 -5.72
N PHE A 40 -1.54 29.12 -5.59
CA PHE A 40 -2.93 28.74 -5.83
C PHE A 40 -3.15 28.08 -7.20
N GLU A 41 -2.72 28.72 -8.28
CA GLU A 41 -2.92 28.14 -9.62
C GLU A 41 -2.00 26.94 -9.89
N LEU A 42 -0.84 26.92 -9.24
CA LEU A 42 0.04 25.76 -9.29
C LEU A 42 -0.61 24.56 -8.61
N SER A 43 -1.14 24.79 -7.40
CA SER A 43 -1.88 23.77 -6.64
C SER A 43 -3.15 23.32 -7.37
N PHE A 44 -3.81 24.25 -8.05
CA PHE A 44 -5.00 23.91 -8.82
C PHE A 44 -4.64 22.98 -9.98
N LYS A 45 -3.66 23.39 -10.77
CA LYS A 45 -3.25 22.70 -12.00
C LYS A 45 -2.76 21.30 -11.72
N ARG A 46 -1.95 21.15 -10.66
CA ARG A 46 -1.34 19.89 -10.28
C ARG A 46 -2.35 18.80 -9.92
N ASN A 47 -3.44 19.18 -9.26
CA ASN A 47 -4.49 18.22 -8.87
C ASN A 47 -5.64 18.06 -9.85
N ALA A 48 -5.85 19.05 -10.72
CA ALA A 48 -7.01 19.04 -11.63
C ALA A 48 -6.95 17.88 -12.62
N SER A 49 -5.72 17.50 -12.97
CA SER A 49 -5.40 16.44 -13.92
C SER A 49 -5.73 15.05 -13.37
N LEU A 50 -5.69 14.94 -12.05
CA LEU A 50 -5.82 13.66 -11.35
C LEU A 50 -7.27 13.44 -10.90
N VAL A 51 -8.12 14.41 -11.18
CA VAL A 51 -9.39 14.50 -10.47
C VAL A 51 -10.58 14.74 -11.42
N ASP A 52 -11.79 14.42 -10.97
CA ASP A 52 -13.01 14.61 -11.77
C ASP A 52 -13.70 15.97 -11.61
N GLU A 53 -13.72 16.48 -10.37
CA GLU A 53 -14.29 17.77 -10.05
C GLU A 53 -13.40 18.45 -9.03
N THR A 54 -13.26 19.77 -9.11
CA THR A 54 -12.63 20.51 -8.03
C THR A 54 -13.68 21.29 -7.24
N LEU A 55 -13.49 21.37 -5.93
CA LEU A 55 -14.22 22.27 -5.07
C LEU A 55 -13.19 23.14 -4.39
N ILE A 56 -13.23 24.42 -4.74
CA ILE A 56 -12.35 25.43 -4.17
C ILE A 56 -13.05 26.06 -3.00
N VAL A 57 -12.43 26.00 -1.83
CA VAL A 57 -12.98 26.68 -0.69
C VAL A 57 -12.09 27.87 -0.31
N CYS A 58 -12.65 29.07 -0.43
CA CYS A 58 -11.92 30.31 -0.17
C CYS A 58 -12.81 31.34 0.49
N ASN A 59 -12.19 32.41 0.97
CA ASN A 59 -12.92 33.56 1.47
C ASN A 59 -13.68 34.24 0.35
N GLU A 60 -14.89 34.72 0.65
CA GLU A 60 -15.72 35.38 -0.34
C GLU A 60 -15.10 36.67 -0.85
N LYS A 61 -14.23 37.29 -0.04
CA LYS A 61 -13.46 38.47 -0.48
C LYS A 61 -12.61 38.16 -1.71
N HIS A 62 -12.06 36.94 -1.76
CA HIS A 62 -11.07 36.59 -2.78
C HIS A 62 -11.64 35.76 -3.93
N TYR A 63 -12.95 35.55 -3.93
CA TYR A 63 -13.58 34.72 -4.98
C TYR A 63 -13.10 35.12 -6.36
N PHE A 64 -13.29 36.39 -6.71
CA PHE A 64 -12.99 36.89 -8.05
C PHE A 64 -11.50 36.93 -8.37
N LEU A 65 -10.68 37.11 -7.33
CA LEU A 65 -9.24 36.93 -7.45
C LEU A 65 -8.87 35.49 -7.83
N ALA A 66 -9.43 34.53 -7.09
CA ALA A 66 -9.23 33.11 -7.36
C ALA A 66 -9.70 32.71 -8.76
N LEU A 67 -10.91 33.12 -9.10
CA LEU A 67 -11.54 32.77 -10.37
C LEU A 67 -10.74 33.34 -11.54
N GLU A 68 -10.11 34.49 -11.32
CA GLU A 68 -9.28 35.14 -12.34
C GLU A 68 -8.02 34.33 -12.63
N GLU A 69 -7.42 33.77 -11.60
CA GLU A 69 -6.13 33.08 -11.71
C GLU A 69 -6.20 31.68 -12.33
N ILE A 70 -7.40 31.12 -12.36
CA ILE A 70 -7.61 29.82 -12.97
C ILE A 70 -8.56 29.88 -14.17
N LYS A 71 -8.61 31.03 -14.83
CA LYS A 71 -9.43 31.21 -16.03
C LYS A 71 -8.84 30.44 -17.20
N ASN A 72 -7.50 30.44 -17.28
CA ASN A 72 -6.77 29.66 -18.28
C ASN A 72 -6.92 28.15 -18.10
N GLU A 73 -7.02 27.73 -16.84
CA GLU A 73 -6.91 26.32 -16.46
C GLU A 73 -8.21 25.51 -16.63
N ILE A 74 -9.36 26.18 -16.61
CA ILE A 74 -10.65 25.50 -16.79
C ILE A 74 -10.89 25.14 -18.25
N LYS A 75 -10.33 24.00 -18.66
CA LYS A 75 -10.55 23.46 -20.01
C LYS A 75 -11.46 22.25 -19.89
N ASN A 76 -12.76 22.49 -20.04
CA ASN A 76 -13.82 21.48 -19.84
C ASN A 76 -13.91 20.95 -18.39
N LYS A 77 -13.22 21.61 -17.47
CA LYS A 77 -13.19 21.19 -16.06
C LYS A 77 -14.48 21.57 -15.35
N SER A 78 -14.95 20.68 -14.47
CA SER A 78 -16.12 20.94 -13.64
C SER A 78 -15.69 21.50 -12.28
N VAL A 79 -15.64 22.82 -12.18
CA VAL A 79 -15.11 23.53 -11.00
C VAL A 79 -16.22 24.23 -10.21
N GLY A 80 -16.19 24.07 -8.89
CA GLY A 80 -17.14 24.72 -8.00
C GLY A 80 -16.43 25.45 -6.89
N PHE A 81 -17.14 26.35 -6.23
CA PHE A 81 -16.59 27.13 -5.12
C PHE A 81 -17.44 26.99 -3.88
N LEU A 82 -16.79 27.01 -2.73
CA LEU A 82 -17.47 27.20 -1.47
C LEU A 82 -16.86 28.44 -0.85
N LEU A 83 -17.67 29.48 -0.77
CA LEU A 83 -17.21 30.77 -0.27
C LEU A 83 -17.43 30.93 1.23
N GLU A 84 -16.43 31.49 1.90
CA GLU A 84 -16.54 31.65 3.32
C GLU A 84 -16.61 33.13 3.72
N SER A 85 -17.58 33.42 4.58
CA SER A 85 -17.64 34.69 5.29
C SER A 85 -16.55 34.70 6.35
N LEU A 86 -16.66 33.76 7.29
CA LEU A 86 -15.65 33.50 8.30
C LEU A 86 -14.94 32.20 8.02
N SER A 87 -13.73 32.07 8.56
CA SER A 87 -13.00 30.81 8.48
CA SER A 87 -13.00 30.82 8.48
C SER A 87 -12.95 30.15 9.85
N LYS A 88 -13.60 28.99 9.97
CA LYS A 88 -13.57 28.23 11.21
C LYS A 88 -12.68 26.99 11.08
N ASN A 89 -11.56 27.18 10.38
CA ASN A 89 -10.46 26.21 10.30
C ASN A 89 -10.77 24.96 9.47
N THR A 90 -9.75 24.13 9.27
CA THR A 90 -9.81 22.99 8.33
C THR A 90 -10.84 21.90 8.65
N ALA A 91 -11.02 21.56 9.92
CA ALA A 91 -12.00 20.53 10.28
C ALA A 91 -13.40 20.87 9.78
N ASN A 92 -13.74 22.16 9.84
CA ASN A 92 -15.03 22.65 9.38
C ASN A 92 -15.08 22.77 7.87
N ALA A 93 -13.98 23.20 7.25
CA ALA A 93 -13.96 23.36 5.79
C ALA A 93 -14.03 21.99 5.11
N ILE A 94 -13.35 21.01 5.71
CA ILE A 94 -13.34 19.65 5.19
C ILE A 94 -14.68 18.95 5.41
N ALA A 95 -15.22 19.02 6.62
CA ALA A 95 -16.53 18.43 6.90
C ALA A 95 -17.64 18.98 6.02
N LEU A 96 -17.60 20.29 5.75
CA LEU A 96 -18.57 20.94 4.87
C LEU A 96 -18.46 20.42 3.44
N SER A 97 -17.23 20.38 2.93
CA SER A 97 -16.91 19.81 1.61
C SER A 97 -17.35 18.36 1.42
N ALA A 98 -17.19 17.56 2.46
CA ALA A 98 -17.65 16.18 2.48
C ALA A 98 -19.17 16.09 2.45
N LEU A 99 -19.85 17.00 3.15
CA LEU A 99 -21.31 17.06 3.15
C LEU A 99 -21.86 17.54 1.81
N MET A 100 -21.05 18.30 1.06
CA MET A 100 -21.38 18.69 -0.31
C MET A 100 -21.05 17.60 -1.32
N SER A 101 -20.71 16.40 -0.84
CA SER A 101 -20.28 15.31 -1.70
C SER A 101 -21.14 14.05 -1.56
N ASP A 102 -21.02 13.14 -2.53
CA ASP A 102 -21.60 11.81 -2.38
C ASP A 102 -20.73 11.05 -1.40
N LYS A 103 -21.38 10.39 -0.44
CA LYS A 103 -20.68 9.55 0.53
C LYS A 103 -19.61 8.67 -0.12
N GLU A 104 -19.95 8.08 -1.26
CA GLU A 104 -19.09 7.10 -1.92
C GLU A 104 -17.89 7.67 -2.64
N ASP A 105 -17.89 8.97 -2.94
CA ASP A 105 -16.81 9.50 -3.76
C ASP A 105 -15.58 9.88 -2.94
N LEU A 106 -14.44 9.97 -3.60
CA LEU A 106 -13.15 10.10 -2.91
C LEU A 106 -12.67 11.52 -2.95
N LEU A 107 -12.11 11.96 -1.84
CA LEU A 107 -11.73 13.34 -1.64
C LEU A 107 -10.24 13.44 -1.55
N ILE A 108 -9.66 14.29 -2.40
CA ILE A 108 -8.25 14.62 -2.32
C ILE A 108 -8.18 16.05 -1.81
N VAL A 109 -7.77 16.21 -0.55
CA VAL A 109 -7.77 17.49 0.16
C VAL A 109 -6.39 18.12 0.13
N THR A 110 -6.27 19.26 -0.53
CA THR A 110 -4.97 19.85 -0.86
C THR A 110 -4.92 21.34 -0.56
N PRO A 111 -4.09 21.75 0.43
CA PRO A 111 -3.90 23.18 0.67
C PRO A 111 -3.26 23.87 -0.53
N SER A 112 -3.58 25.15 -0.73
CA SER A 112 -3.19 25.87 -1.94
C SER A 112 -1.80 26.51 -1.86
N ASP A 113 -1.33 26.74 -0.65
CA ASP A 113 -0.02 27.36 -0.42
C ASP A 113 1.15 26.36 -0.43
N HIS A 114 1.06 25.39 -1.33
CA HIS A 114 2.07 24.34 -1.44
C HIS A 114 2.86 24.44 -2.74
N LEU A 115 4.17 24.26 -2.62
CA LEU A 115 5.03 24.14 -3.78
C LEU A 115 5.54 22.70 -3.87
N ILE A 116 5.23 22.07 -5.00
CA ILE A 116 5.65 20.70 -5.26
C ILE A 116 6.21 20.67 -6.67
N LYS A 117 7.51 20.36 -6.77
CA LYS A 117 8.23 20.44 -8.03
C LYS A 117 8.33 19.11 -8.78
N ASP A 118 8.63 18.02 -8.08
CA ASP A 118 8.61 16.70 -8.70
C ASP A 118 7.15 16.24 -8.83
N LEU A 119 6.59 16.43 -10.01
CA LEU A 119 5.18 16.15 -10.25
C LEU A 119 4.90 14.66 -10.47
N GLN A 120 5.94 13.91 -10.83
CA GLN A 120 5.79 12.47 -11.04
C GLN A 120 5.75 11.72 -9.71
N ALA A 121 6.61 12.15 -8.77
CA ALA A 121 6.62 11.62 -7.41
C ALA A 121 5.33 11.99 -6.66
N TYR A 122 4.76 13.14 -7.04
CA TYR A 122 3.47 13.58 -6.50
C TYR A 122 2.35 12.67 -6.98
N GLU A 123 2.34 12.41 -8.28
CA GLU A 123 1.29 11.64 -8.93
C GLU A 123 1.25 10.20 -8.44
N ASN A 124 2.43 9.66 -8.13
CA ASN A 124 2.60 8.30 -7.60
C ASN A 124 2.00 8.16 -6.20
N ALA A 125 2.40 9.09 -5.31
CA ALA A 125 1.88 9.19 -3.95
C ALA A 125 0.35 9.33 -3.90
N ILE A 126 -0.20 10.08 -4.86
CA ILE A 126 -1.64 10.26 -4.97
C ILE A 126 -2.34 8.94 -5.30
N LYS A 127 -1.86 8.23 -6.33
CA LYS A 127 -2.48 6.95 -6.72
C LYS A 127 -2.38 5.88 -5.63
N LYS A 128 -1.30 5.94 -4.86
CA LYS A 128 -1.15 5.12 -3.65
C LYS A 128 -2.21 5.48 -2.61
N ALA A 129 -2.26 6.76 -2.25
CA ALA A 129 -3.23 7.26 -1.26
C ALA A 129 -4.67 6.93 -1.61
N ILE A 130 -5.00 7.01 -2.91
CA ILE A 130 -6.31 6.63 -3.40
C ILE A 130 -6.63 5.17 -3.11
N ASP A 131 -5.66 4.30 -3.30
CA ASP A 131 -5.86 2.87 -3.10
C ASP A 131 -6.15 2.55 -1.64
N LEU A 132 -5.36 3.14 -0.73
CA LEU A 132 -5.60 3.04 0.72
C LEU A 132 -6.97 3.58 1.14
N ALA A 133 -7.40 4.67 0.50
CA ALA A 133 -8.69 5.29 0.78
C ALA A 133 -9.86 4.38 0.43
N GLN A 134 -9.71 3.58 -0.62
CA GLN A 134 -10.76 2.63 -1.00
C GLN A 134 -10.86 1.47 -0.02
N LYS A 135 -9.80 1.28 0.77
CA LYS A 135 -9.76 0.23 1.78
C LYS A 135 -10.45 0.67 3.08
N GLY A 136 -10.73 1.96 3.17
CA GLY A 136 -11.49 2.51 4.29
C GLY A 136 -10.65 3.31 5.25
N PHE A 137 -9.48 3.76 4.78
CA PHE A 137 -8.55 4.54 5.58
C PHE A 137 -8.61 6.07 5.35
N LEU A 138 -8.13 6.82 6.34
CA LEU A 138 -7.86 8.25 6.25
C LEU A 138 -6.37 8.42 5.97
N VAL A 139 -6.04 8.90 4.79
CA VAL A 139 -4.68 8.88 4.33
C VAL A 139 -4.06 10.23 4.50
N THR A 140 -2.91 10.24 5.16
CA THR A 140 -2.12 11.44 5.35
C THR A 140 -0.78 11.30 4.61
N PHE A 141 -0.01 12.38 4.53
CA PHE A 141 1.24 12.37 3.76
C PHE A 141 2.43 12.84 4.59
N GLY A 142 3.50 12.05 4.59
CA GLY A 142 4.68 12.37 5.37
C GLY A 142 5.77 13.08 4.59
N VAL A 143 6.43 14.04 5.25
CA VAL A 143 7.57 14.72 4.67
C VAL A 143 8.73 14.63 5.66
N SER A 144 9.88 14.17 5.17
CA SER A 144 11.06 13.92 5.99
C SER A 144 11.64 15.18 6.60
N ILE A 145 11.71 15.18 7.93
CA ILE A 145 12.14 16.34 8.72
C ILE A 145 13.63 16.65 8.52
N ASP A 146 13.93 17.92 8.27
CA ASP A 146 15.30 18.42 8.40
C ASP A 146 15.41 19.45 9.54
N LYS A 147 14.67 20.54 9.44
CA LYS A 147 14.64 21.56 10.48
C LYS A 147 13.39 21.46 11.35
N PRO A 148 13.57 21.02 12.61
CA PRO A 148 12.45 20.78 13.54
C PRO A 148 11.77 22.05 14.09
N ASN A 149 10.77 22.54 13.38
CA ASN A 149 9.94 23.66 13.87
C ASN A 149 8.59 23.19 14.42
N THR A 150 8.09 23.90 15.44
CA THR A 150 6.96 23.42 16.24
C THR A 150 5.58 23.90 15.77
N GLU A 151 5.52 24.43 14.56
CA GLU A 151 4.25 24.87 13.98
C GLU A 151 3.59 23.73 13.21
N PHE A 152 4.38 22.70 12.91
CA PHE A 152 3.91 21.57 12.10
C PHE A 152 3.32 20.41 12.91
N GLY A 153 2.62 19.52 12.19
CA GLY A 153 2.15 18.26 12.76
C GLY A 153 3.17 17.16 12.58
N TYR A 154 3.30 16.33 13.59
CA TYR A 154 4.29 15.26 13.58
C TYR A 154 3.60 13.91 13.49
N ILE A 155 3.95 13.16 12.44
CA ILE A 155 3.47 11.79 12.28
C ILE A 155 4.56 10.81 12.70
N GLU A 156 4.28 9.98 13.70
CA GLU A 156 5.18 8.89 14.04
C GLU A 156 4.89 7.69 13.17
N SER A 157 5.83 7.33 12.32
CA SER A 157 5.69 6.13 11.50
CA SER A 157 5.69 6.15 11.49
C SER A 157 7.04 5.45 11.37
N PRO A 158 7.21 4.30 12.05
CA PRO A 158 8.48 3.58 11.96
C PRO A 158 8.70 3.00 10.55
N ASN A 159 7.64 2.47 9.95
CA ASN A 159 7.73 1.76 8.68
C ASN A 159 7.25 2.54 7.46
N GLY A 160 6.93 3.82 7.65
CA GLY A 160 6.48 4.69 6.56
C GLY A 160 5.08 4.45 6.04
N LEU A 161 4.27 3.71 6.81
CA LEU A 161 2.91 3.35 6.38
C LEU A 161 1.91 3.32 7.54
N ASP A 162 2.25 2.62 8.61
CA ASP A 162 1.43 2.62 9.80
C ASP A 162 1.88 3.78 10.65
N VAL A 163 0.92 4.52 11.22
CA VAL A 163 1.26 5.63 12.10
C VAL A 163 1.00 5.23 13.55
N LYS A 164 2.04 5.35 14.38
CA LYS A 164 1.93 4.99 15.79
C LYS A 164 1.17 6.06 16.57
N ARG A 165 1.38 7.32 16.19
CA ARG A 165 0.55 8.42 16.68
C ARG A 165 0.77 9.72 15.90
N PHE A 166 -0.17 10.64 16.10
CA PHE A 166 -0.13 11.97 15.52
C PHE A 166 0.01 12.96 16.67
N ILE A 167 1.06 13.77 16.64
CA ILE A 167 1.21 14.84 17.61
C ILE A 167 1.36 16.19 16.90
N GLU A 168 0.29 16.97 16.90
CA GLU A 168 0.32 18.27 16.21
C GLU A 168 0.85 19.36 17.12
N LYS A 169 1.84 20.10 16.61
CA LYS A 169 2.51 21.17 17.34
C LYS A 169 3.00 20.75 18.74
N PRO A 170 4.12 20.01 18.79
CA PRO A 170 4.70 19.64 20.09
C PRO A 170 5.57 20.77 20.65
N SER A 171 6.04 20.62 21.89
CA SER A 171 7.00 21.57 22.46
C SER A 171 8.35 21.42 21.77
N LEU A 172 9.17 22.48 21.79
CA LEU A 172 10.47 22.46 21.12
C LEU A 172 11.46 21.45 21.75
N ASP A 173 11.10 20.99 22.94
CA ASP A 173 11.81 19.88 23.60
C ASP A 173 11.48 18.57 22.89
N LYS A 174 10.18 18.35 22.66
CA LYS A 174 9.68 17.16 21.99
C LYS A 174 10.08 17.10 20.52
N ALA A 175 10.12 18.27 19.88
CA ALA A 175 10.45 18.37 18.45
C ALA A 175 11.91 18.05 18.15
N ILE A 176 12.76 18.22 19.16
CA ILE A 176 14.18 17.92 19.03
C ILE A 176 14.45 16.51 19.52
N GLU A 177 13.58 16.01 20.41
CA GLU A 177 13.67 14.66 20.93
C GLU A 177 13.23 13.64 19.88
N PHE A 178 12.20 14.00 19.11
CA PHE A 178 11.70 13.17 18.02
C PHE A 178 12.55 13.34 16.76
N GLN A 179 13.45 14.31 16.80
CA GLN A 179 14.45 14.52 15.75
C GLN A 179 15.46 13.39 15.79
N LYS A 180 16.00 13.14 16.98
CA LYS A 180 17.00 12.10 17.23
C LYS A 180 16.42 10.69 17.08
N SER A 181 15.17 10.52 17.50
CA SER A 181 14.49 9.22 17.49
C SER A 181 14.42 8.55 16.12
N GLY A 182 14.08 9.33 15.09
CA GLY A 182 13.90 8.77 13.74
C GLY A 182 12.54 8.13 13.56
N GLY A 183 12.10 8.02 12.32
CA GLY A 183 10.76 7.50 12.02
C GLY A 183 9.68 8.53 12.28
N PHE A 184 10.06 9.81 12.19
CA PHE A 184 9.14 10.93 12.33
C PHE A 184 9.09 11.78 11.06
N TYR A 185 7.87 12.12 10.66
CA TYR A 185 7.64 12.91 9.44
C TYR A 185 6.81 14.15 9.76
N PHE A 186 7.01 15.21 8.98
CA PHE A 186 6.13 16.37 9.01
C PHE A 186 4.83 15.99 8.31
N ASN A 187 3.71 16.33 8.93
CA ASN A 187 2.43 16.23 8.24
C ASN A 187 2.34 17.28 7.14
N SER A 188 2.03 16.84 5.93
CA SER A 188 1.98 17.73 4.78
C SER A 188 0.76 18.64 4.84
N GLY A 189 -0.26 18.20 5.56
CA GLY A 189 -1.53 18.92 5.60
C GLY A 189 -2.46 18.49 4.50
N MET A 190 -1.95 17.71 3.54
CA MET A 190 -2.78 17.07 2.50
C MET A 190 -3.44 15.81 3.05
N PHE A 191 -4.54 15.37 2.43
CA PHE A 191 -5.32 14.23 2.92
C PHE A 191 -6.11 13.58 1.81
N VAL A 192 -6.27 12.26 1.88
CA VAL A 192 -7.19 11.54 0.99
C VAL A 192 -8.03 10.59 1.84
N PHE A 193 -9.32 10.51 1.52
CA PHE A 193 -10.28 9.64 2.19
C PHE A 193 -11.58 9.67 1.42
N GLN A 194 -12.40 8.65 1.60
CA GLN A 194 -13.76 8.69 1.07
C GLN A 194 -14.58 9.63 1.96
N ALA A 195 -15.57 10.31 1.37
CA ALA A 195 -16.40 11.29 2.08
C ALA A 195 -17.15 10.64 3.25
N GLY A 196 -17.77 9.50 2.97
CA GLY A 196 -18.53 8.74 3.96
C GLY A 196 -17.75 8.28 5.18
N VAL A 197 -16.59 7.67 4.96
CA VAL A 197 -15.72 7.26 6.06
C VAL A 197 -15.17 8.45 6.83
N PHE A 198 -14.82 9.53 6.13
CA PHE A 198 -14.45 10.77 6.81
C PHE A 198 -15.56 11.25 7.75
N LEU A 199 -16.80 11.29 7.26
CA LEU A 199 -17.91 11.74 8.08
C LEU A 199 -18.26 10.78 9.20
N ASP A 200 -17.95 9.50 9.01
CA ASP A 200 -18.17 8.48 10.04
C ASP A 200 -17.13 8.62 11.15
N GLU A 201 -15.89 8.85 10.75
CA GLU A 201 -14.80 9.07 11.71
C GLU A 201 -15.00 10.34 12.50
N LEU A 202 -15.52 11.38 11.84
CA LEU A 202 -15.83 12.62 12.52
C LEU A 202 -16.99 12.41 13.51
N LYS A 203 -17.99 11.62 13.14
CA LYS A 203 -19.08 11.30 14.07
C LYS A 203 -18.55 10.67 15.35
N LYS A 204 -17.69 9.67 15.21
CA LYS A 204 -17.06 8.98 16.33
C LYS A 204 -16.24 9.90 17.23
N HIS A 205 -15.41 10.74 16.62
CA HIS A 205 -14.34 11.38 17.37
C HIS A 205 -14.55 12.86 17.68
N ALA A 206 -15.27 13.55 16.80
CA ALA A 206 -15.68 14.94 17.06
C ALA A 206 -17.15 15.13 16.71
N PRO A 207 -18.06 14.49 17.49
CA PRO A 207 -19.48 14.43 17.17
C PRO A 207 -20.16 15.79 17.10
N THR A 208 -19.70 16.73 17.92
CA THR A 208 -20.34 18.05 18.02
C THR A 208 -19.78 19.01 16.99
N ILE A 209 -18.71 18.60 16.32
CA ILE A 209 -18.13 19.37 15.22
C ILE A 209 -18.84 18.96 13.93
N LEU A 210 -19.18 17.68 13.83
CA LEU A 210 -20.01 17.20 12.74
C LEU A 210 -21.42 17.77 12.86
N LYS A 211 -21.94 17.82 14.09
CA LYS A 211 -23.26 18.37 14.40
C LYS A 211 -23.38 19.81 13.93
N GLY A 212 -22.42 20.64 14.35
CA GLY A 212 -22.37 22.05 13.98
C GLY A 212 -22.27 22.30 12.49
N CYS A 213 -21.50 21.46 11.80
CA CYS A 213 -21.39 21.53 10.35
C CYS A 213 -22.68 21.10 9.66
N GLU A 214 -23.37 20.10 10.23
CA GLU A 214 -24.63 19.59 9.69
C GLU A 214 -25.73 20.63 9.67
N ARG A 215 -25.83 21.43 10.74
CA ARG A 215 -26.81 22.50 10.80
C ARG A 215 -26.38 23.75 10.03
N ALA A 216 -25.08 23.99 9.92
CA ALA A 216 -24.57 25.11 9.14
C ALA A 216 -24.86 24.84 7.66
N PHE A 217 -24.60 23.62 7.23
CA PHE A 217 -24.93 23.14 5.88
C PHE A 217 -26.42 23.35 5.52
N GLU A 218 -27.28 23.41 6.53
CA GLU A 218 -28.73 23.53 6.31
C GLU A 218 -29.15 24.87 5.71
N SER A 219 -28.36 25.89 6.03
CA SER A 219 -28.64 27.26 5.63
C SER A 219 -27.78 27.68 4.43
N LEU A 220 -27.26 26.71 3.71
CA LEU A 220 -26.39 26.95 2.55
C LEU A 220 -27.26 27.45 1.40
N GLU A 221 -26.71 28.36 0.60
CA GLU A 221 -27.44 28.88 -0.57
C GLU A 221 -26.50 28.99 -1.76
N ASN A 222 -27.05 28.97 -2.96
CA ASN A 222 -26.28 29.05 -4.20
C ASN A 222 -26.41 30.34 -5.00
N ALA A 223 -25.30 30.74 -5.63
CA ALA A 223 -25.28 31.89 -6.53
C ALA A 223 -24.89 31.43 -7.93
N TYR A 224 -25.88 31.21 -8.78
CA TYR A 224 -25.66 30.69 -10.13
C TYR A 224 -25.24 31.78 -11.11
N PHE A 225 -25.54 33.02 -10.75
CA PHE A 225 -24.95 34.17 -11.44
C PHE A 225 -23.45 34.18 -11.10
N PHE A 226 -22.69 35.10 -11.70
CA PHE A 226 -21.23 35.02 -11.77
C PHE A 226 -20.87 33.88 -12.71
N GLU A 227 -21.89 33.37 -13.40
CA GLU A 227 -21.80 32.17 -14.26
C GLU A 227 -21.52 30.84 -13.56
N LYS A 228 -20.45 30.78 -12.76
CA LYS A 228 -20.17 29.62 -11.92
C LYS A 228 -21.23 29.45 -10.83
N LYS A 229 -21.60 28.20 -10.57
CA LYS A 229 -22.38 27.86 -9.39
C LYS A 229 -21.46 27.99 -8.18
N ILE A 230 -21.95 28.71 -7.18
CA ILE A 230 -21.22 29.01 -5.97
C ILE A 230 -22.11 28.49 -4.86
N ALA A 231 -21.52 28.25 -3.71
CA ALA A 231 -22.28 28.03 -2.50
C ALA A 231 -21.57 28.86 -1.45
N ARG A 232 -22.31 29.59 -0.62
CA ARG A 232 -21.76 30.09 0.65
C ARG A 232 -22.67 29.90 1.82
N LEU A 233 -22.10 30.03 3.01
CA LEU A 233 -22.84 29.98 4.24
C LEU A 233 -22.81 31.35 4.92
N SER A 234 -23.94 31.72 5.53
CA SER A 234 -24.07 32.98 6.26
C SER A 234 -23.06 33.08 7.39
N GLU A 235 -22.66 34.31 7.69
CA GLU A 235 -21.79 34.59 8.82
C GLU A 235 -22.44 34.09 10.12
N LYS A 236 -23.77 34.15 10.14
CA LYS A 236 -24.61 33.65 11.22
C LYS A 236 -24.38 32.16 11.50
N SER A 237 -24.41 31.35 10.44
CA SER A 237 -24.27 29.91 10.55
C SER A 237 -22.87 29.51 11.02
N MET A 238 -21.88 30.26 10.57
CA MET A 238 -20.50 29.92 10.84
C MET A 238 -20.03 30.45 12.18
N GLN A 239 -20.77 31.41 12.73
CA GLN A 239 -20.43 32.07 14.00
C GLN A 239 -20.33 31.09 15.17
N ASP A 240 -21.36 30.27 15.33
CA ASP A 240 -21.45 29.37 16.48
C ASP A 240 -20.54 28.14 16.36
N LEU A 241 -19.88 28.00 15.21
CA LEU A 241 -18.99 26.88 14.95
C LEU A 241 -17.70 27.00 15.73
N GLU A 242 -17.28 25.89 16.35
CA GLU A 242 -16.01 25.85 17.05
C GLU A 242 -14.88 25.87 16.04
N ASP A 243 -13.95 26.79 16.23
CA ASP A 243 -12.77 26.88 15.38
C ASP A 243 -11.80 25.77 15.76
N MET A 244 -11.61 24.81 14.86
CA MET A 244 -10.76 23.65 15.12
C MET A 244 -10.14 23.05 13.86
N SER A 245 -8.93 22.56 14.02
CA SER A 245 -8.15 21.92 12.99
C SER A 245 -8.50 20.46 12.79
N ILE A 246 -8.34 19.95 11.58
CA ILE A 246 -8.61 18.54 11.37
C ILE A 246 -7.64 17.65 12.15
N ASP A 247 -6.42 18.16 12.34
CA ASP A 247 -5.37 17.45 13.04
C ASP A 247 -5.73 17.28 14.49
N ILE A 248 -6.35 18.29 15.09
CA ILE A 248 -6.76 18.24 16.48
C ILE A 248 -8.08 17.47 16.63
N ALA A 249 -9.03 17.78 15.75
CA ALA A 249 -10.38 17.20 15.78
C ALA A 249 -10.41 15.69 15.57
N LEU A 250 -9.58 15.21 14.65
CA LEU A 250 -9.74 13.86 14.14
C LEU A 250 -8.45 13.06 14.07
N MET A 251 -7.41 13.66 13.50
CA MET A 251 -6.17 12.94 13.23
C MET A 251 -5.42 12.51 14.49
N GLN A 252 -5.68 13.16 15.62
CA GLN A 252 -5.05 12.75 16.87
C GLN A 252 -5.83 11.64 17.59
N GLN A 253 -6.96 11.22 17.01
CA GLN A 253 -7.82 10.25 17.67
C GLN A 253 -8.27 9.11 16.79
N SER A 254 -8.09 9.26 15.49
CA SER A 254 -8.54 8.22 14.55
C SER A 254 -7.63 6.98 14.57
N HIS A 255 -8.27 5.82 14.61
CA HIS A 255 -7.56 4.55 14.55
C HIS A 255 -7.31 4.10 13.10
N LYS A 256 -7.81 4.88 12.14
CA LYS A 256 -7.82 4.49 10.73
C LYS A 256 -6.88 5.28 9.83
N ILE A 257 -5.69 5.61 10.35
CA ILE A 257 -4.74 6.48 9.66
C ILE A 257 -3.54 5.74 9.06
N LYS A 258 -3.34 5.90 7.74
CA LYS A 258 -2.11 5.44 7.08
C LYS A 258 -1.33 6.61 6.49
N MET A 259 -0.06 6.39 6.17
CA MET A 259 0.79 7.45 5.65
C MET A 259 1.36 7.06 4.30
N VAL A 260 1.63 8.06 3.46
CA VAL A 260 2.37 7.89 2.21
C VAL A 260 3.46 8.96 2.18
N GLU A 261 4.69 8.59 1.86
CA GLU A 261 5.80 9.54 1.86
C GLU A 261 5.74 10.51 0.67
N LEU A 262 5.95 11.79 0.95
CA LEU A 262 6.06 12.80 -0.10
C LEU A 262 7.51 13.19 -0.32
N ASN A 263 8.10 12.63 -1.38
CA ASN A 263 9.46 12.97 -1.78
C ASN A 263 9.40 13.68 -3.11
N ALA A 264 8.97 14.94 -3.07
CA ALA A 264 8.69 15.70 -4.29
C ALA A 264 9.12 17.16 -4.24
N LYS A 265 10.04 17.47 -3.32
CA LYS A 265 10.47 18.85 -3.02
C LYS A 265 9.32 19.73 -2.54
N TRP A 266 8.67 19.26 -1.48
CA TRP A 266 7.52 19.93 -0.88
C TRP A 266 7.95 21.16 -0.07
N SER A 267 7.32 22.29 -0.36
CA SER A 267 7.61 23.53 0.35
C SER A 267 6.36 24.15 0.98
N ASP A 268 6.58 24.91 2.06
CA ASP A 268 5.51 25.59 2.77
C ASP A 268 5.92 27.00 3.18
N LEU B 3 19.99 -4.06 -6.02
CA LEU B 3 18.69 -4.41 -5.47
C LEU B 3 18.01 -5.37 -6.39
N LYS B 4 18.46 -6.60 -6.40
CA LYS B 4 17.91 -7.56 -7.31
C LYS B 4 16.51 -7.89 -6.87
N ILE B 5 15.69 -8.28 -7.82
CA ILE B 5 14.44 -8.98 -7.52
C ILE B 5 14.51 -10.39 -8.10
N LYS B 6 14.36 -11.39 -7.23
CA LYS B 6 14.45 -12.80 -7.62
C LYS B 6 13.08 -13.45 -7.58
N ASN B 7 12.75 -14.24 -8.59
CA ASN B 7 11.59 -15.13 -8.49
C ASN B 7 12.05 -16.48 -7.93
N ILE B 8 11.31 -17.00 -6.95
CA ILE B 8 11.69 -18.26 -6.35
C ILE B 8 10.59 -19.24 -6.63
N LEU B 9 10.78 -20.00 -7.71
CA LEU B 9 9.75 -20.88 -8.25
C LEU B 9 9.83 -22.21 -7.53
N LEU B 10 8.83 -22.48 -6.69
CA LEU B 10 8.80 -23.67 -5.88
C LEU B 10 8.05 -24.83 -6.56
N SER B 11 8.75 -25.93 -6.85
CA SER B 11 8.13 -27.22 -7.12
C SER B 11 8.38 -28.19 -5.96
N SER B 22 6.66 -43.86 -10.28
CA SER B 22 5.87 -43.71 -11.51
C SER B 22 5.31 -42.29 -11.67
N ARG B 23 4.32 -41.95 -10.84
CA ARG B 23 3.74 -40.61 -10.81
C ARG B 23 4.71 -39.62 -10.16
N SER B 24 5.52 -40.12 -9.22
CA SER B 24 6.50 -39.32 -8.48
C SER B 24 7.63 -38.77 -9.36
N LEU B 25 7.83 -39.41 -10.52
CA LEU B 25 8.84 -38.98 -11.47
C LEU B 25 8.28 -38.05 -12.54
N TYR B 26 6.95 -38.06 -12.70
CA TYR B 26 6.27 -37.21 -13.69
C TYR B 26 5.05 -36.48 -13.12
N PRO B 27 5.27 -35.43 -12.30
CA PRO B 27 4.19 -34.75 -11.58
C PRO B 27 3.25 -33.94 -12.48
N LYS B 28 2.08 -33.61 -11.92
CA LYS B 28 1.01 -32.89 -12.62
C LYS B 28 1.44 -31.53 -13.18
N GLN B 29 2.24 -30.81 -12.40
CA GLN B 29 2.67 -29.44 -12.73
C GLN B 29 3.47 -29.35 -14.03
N PHE B 30 4.02 -30.49 -14.47
CA PHE B 30 4.82 -30.55 -15.68
C PHE B 30 4.02 -31.06 -16.89
N LEU B 31 2.83 -31.62 -16.66
CA LEU B 31 2.01 -32.15 -17.75
C LEU B 31 1.48 -31.01 -18.62
N LYS B 32 1.85 -31.03 -19.89
CA LYS B 32 1.50 -29.97 -20.84
C LYS B 32 0.04 -30.07 -21.27
N LEU B 33 -0.87 -29.77 -20.35
CA LEU B 33 -2.30 -29.99 -20.54
C LEU B 33 -3.08 -28.71 -20.80
N PHE B 34 -2.52 -27.58 -20.40
CA PHE B 34 -3.22 -26.29 -20.46
C PHE B 34 -2.87 -25.52 -21.71
N ASP B 35 -3.50 -25.92 -22.81
CA ASP B 35 -3.28 -25.34 -24.15
C ASP B 35 -1.82 -25.49 -24.57
N HIS B 36 -1.40 -26.75 -24.69
CA HIS B 36 -0.02 -27.13 -25.08
C HIS B 36 1.06 -26.68 -24.09
N LYS B 37 0.64 -26.28 -22.88
CA LYS B 37 1.56 -25.78 -21.86
C LYS B 37 1.23 -26.37 -20.49
N SER B 38 2.21 -26.36 -19.59
CA SER B 38 2.01 -26.86 -18.24
C SER B 38 1.92 -25.70 -17.23
N LEU B 39 1.46 -26.02 -16.02
CA LEU B 39 1.40 -25.03 -14.94
C LEU B 39 2.76 -24.44 -14.61
N PHE B 40 3.78 -25.28 -14.61
CA PHE B 40 5.15 -24.89 -14.28
C PHE B 40 5.66 -23.82 -15.26
N GLU B 41 5.54 -24.09 -16.55
CA GLU B 41 6.01 -23.11 -17.54
C GLU B 41 5.12 -21.86 -17.58
N LEU B 42 3.85 -22.02 -17.26
CA LEU B 42 2.96 -20.88 -17.06
C LEU B 42 3.39 -20.01 -15.87
N SER B 43 3.80 -20.67 -14.79
CA SER B 43 4.29 -19.98 -13.61
C SER B 43 5.66 -19.35 -13.81
N PHE B 44 6.49 -19.93 -14.67
CA PHE B 44 7.81 -19.40 -14.95
C PHE B 44 7.67 -18.09 -15.72
N LYS B 45 6.93 -18.18 -16.82
CA LYS B 45 6.70 -17.09 -17.76
C LYS B 45 6.09 -15.88 -17.07
N ARG B 46 5.02 -16.15 -16.31
CA ARG B 46 4.25 -15.16 -15.57
C ARG B 46 5.12 -14.29 -14.67
N ASN B 47 6.15 -14.89 -14.07
CA ASN B 47 7.00 -14.21 -13.11
C ASN B 47 8.33 -13.75 -13.70
N ALA B 48 8.76 -14.39 -14.78
CA ALA B 48 10.10 -14.18 -15.34
C ALA B 48 10.34 -12.77 -15.87
N SER B 49 9.26 -12.13 -16.31
CA SER B 49 9.34 -10.81 -16.89
C SER B 49 9.27 -9.70 -15.83
N LEU B 50 8.96 -10.09 -14.59
CA LEU B 50 8.82 -9.15 -13.47
C LEU B 50 10.06 -9.15 -12.61
N VAL B 51 11.06 -9.89 -13.07
CA VAL B 51 12.12 -10.35 -12.19
C VAL B 51 13.48 -10.31 -12.90
N ASP B 52 14.55 -10.19 -12.11
CA ASP B 52 15.91 -10.19 -12.65
C ASP B 52 16.43 -11.62 -12.86
N GLU B 53 16.48 -12.41 -11.79
CA GLU B 53 16.85 -13.83 -11.85
C GLU B 53 15.72 -14.73 -11.36
N THR B 54 15.61 -15.93 -11.91
CA THR B 54 14.70 -16.92 -11.35
C THR B 54 15.46 -18.06 -10.70
N LEU B 55 15.05 -18.42 -9.50
CA LEU B 55 15.59 -19.58 -8.84
C LEU B 55 14.50 -20.64 -8.87
N ILE B 56 14.77 -21.75 -9.54
CA ILE B 56 13.85 -22.87 -9.51
C ILE B 56 14.27 -23.80 -8.38
N VAL B 57 13.34 -24.15 -7.51
CA VAL B 57 13.67 -25.14 -6.52
C VAL B 57 12.74 -26.33 -6.62
N CYS B 58 13.32 -27.47 -6.97
CA CYS B 58 12.55 -28.66 -7.26
C CYS B 58 13.30 -29.85 -6.70
N ASN B 59 12.63 -31.00 -6.72
CA ASN B 59 13.29 -32.27 -6.42
C ASN B 59 14.22 -32.54 -7.58
N GLU B 60 15.43 -33.02 -7.28
CA GLU B 60 16.43 -33.27 -8.33
C GLU B 60 15.95 -34.16 -9.47
N LYS B 61 15.07 -35.11 -9.14
CA LYS B 61 14.49 -36.05 -10.10
C LYS B 61 13.65 -35.35 -11.16
N HIS B 62 13.50 -34.04 -11.00
CA HIS B 62 12.71 -33.25 -11.92
C HIS B 62 13.55 -32.19 -12.64
N TYR B 63 14.85 -32.13 -12.36
CA TYR B 63 15.75 -31.19 -13.04
C TYR B 63 15.50 -31.14 -14.54
N PHE B 64 15.53 -32.29 -15.19
CA PHE B 64 15.43 -32.35 -16.66
C PHE B 64 14.02 -32.08 -17.14
N LEU B 65 13.03 -32.45 -16.34
CA LEU B 65 11.63 -32.10 -16.61
C LEU B 65 11.41 -30.60 -16.60
N ALA B 66 11.96 -29.94 -15.59
CA ALA B 66 11.85 -28.49 -15.44
C ALA B 66 12.58 -27.79 -16.55
N LEU B 67 13.80 -28.24 -16.81
CA LEU B 67 14.69 -27.64 -17.79
C LEU B 67 14.08 -27.64 -19.20
N GLU B 68 13.39 -28.72 -19.55
CA GLU B 68 12.75 -28.84 -20.86
C GLU B 68 11.53 -27.94 -21.04
N GLU B 69 10.82 -27.65 -19.97
CA GLU B 69 9.61 -26.84 -20.09
C GLU B 69 9.85 -25.34 -20.12
N ILE B 70 11.04 -24.92 -19.71
CA ILE B 70 11.40 -23.52 -19.78
C ILE B 70 12.37 -23.29 -20.94
N LYS B 71 12.55 -24.34 -21.74
CA LYS B 71 13.44 -24.31 -22.90
C LYS B 71 13.17 -23.12 -23.82
N ASN B 72 11.90 -22.89 -24.13
CA ASN B 72 11.53 -21.81 -25.04
C ASN B 72 11.40 -20.45 -24.36
N GLU B 73 11.20 -20.46 -23.04
CA GLU B 73 10.88 -19.24 -22.29
C GLU B 73 12.10 -18.46 -21.81
N ILE B 74 13.26 -19.11 -21.76
CA ILE B 74 14.50 -18.43 -21.38
C ILE B 74 15.02 -17.64 -22.58
N LYS B 75 14.63 -16.36 -22.61
CA LYS B 75 15.11 -15.45 -23.62
C LYS B 75 15.90 -14.39 -22.87
N ASN B 76 17.22 -14.59 -22.81
CA ASN B 76 18.15 -13.79 -21.99
C ASN B 76 17.82 -13.74 -20.49
N LYS B 77 17.06 -14.72 -20.01
CA LYS B 77 16.73 -14.78 -18.60
C LYS B 77 17.83 -15.51 -17.83
N SER B 78 18.12 -15.02 -16.62
CA SER B 78 19.11 -15.64 -15.75
CA SER B 78 19.10 -15.66 -15.75
C SER B 78 18.44 -16.69 -14.85
N VAL B 79 18.51 -17.96 -15.24
CA VAL B 79 17.88 -19.03 -14.46
C VAL B 79 18.91 -19.91 -13.75
N GLY B 80 18.72 -20.13 -12.46
CA GLY B 80 19.52 -21.08 -11.70
C GLY B 80 18.59 -22.11 -11.08
N PHE B 81 19.16 -23.20 -10.57
CA PHE B 81 18.35 -24.22 -9.89
C PHE B 81 18.87 -24.42 -8.48
N LEU B 82 18.02 -25.00 -7.66
CA LEU B 82 18.41 -25.53 -6.37
C LEU B 82 17.69 -26.86 -6.28
N LEU B 83 18.44 -27.94 -6.33
CA LEU B 83 17.84 -29.27 -6.34
C LEU B 83 17.88 -29.89 -4.95
N GLU B 84 16.84 -30.62 -4.64
CA GLU B 84 16.70 -31.23 -3.35
C GLU B 84 16.51 -32.73 -3.51
N SER B 85 17.36 -33.51 -2.84
CA SER B 85 17.21 -34.97 -2.85
C SER B 85 15.96 -35.35 -2.09
N LEU B 86 15.77 -34.70 -0.95
CA LEU B 86 14.58 -34.89 -0.12
C LEU B 86 13.67 -33.67 -0.23
N SER B 87 12.37 -33.91 -0.11
CA SER B 87 11.42 -32.81 -0.10
C SER B 87 10.98 -32.53 1.34
N LYS B 88 11.57 -31.48 1.91
CA LYS B 88 11.41 -31.12 3.31
C LYS B 88 10.49 -29.90 3.52
N ASN B 89 9.66 -29.60 2.53
CA ASN B 89 8.66 -28.52 2.60
C ASN B 89 9.28 -27.13 2.52
N THR B 90 8.46 -26.10 2.63
CA THR B 90 8.83 -24.76 2.13
C THR B 90 9.64 -23.86 3.09
N ALA B 91 9.60 -24.12 4.39
CA ALA B 91 10.45 -23.36 5.32
C ALA B 91 11.90 -23.42 4.84
N ASN B 92 12.43 -24.64 4.72
CA ASN B 92 13.81 -24.90 4.30
C ASN B 92 14.10 -24.43 2.89
N ALA B 93 13.20 -24.75 1.97
CA ALA B 93 13.34 -24.31 0.58
C ALA B 93 13.49 -22.82 0.47
N ILE B 94 12.59 -22.07 1.12
CA ILE B 94 12.61 -20.61 1.08
C ILE B 94 13.81 -20.04 1.85
N ALA B 95 14.08 -20.58 3.03
CA ALA B 95 15.21 -20.13 3.87
C ALA B 95 16.57 -20.26 3.20
N LEU B 96 16.82 -21.40 2.55
CA LEU B 96 18.04 -21.61 1.77
C LEU B 96 18.15 -20.61 0.62
N SER B 97 17.02 -20.32 -0.02
CA SER B 97 16.97 -19.37 -1.11
C SER B 97 17.29 -17.96 -0.62
N ALA B 98 16.90 -17.68 0.62
CA ALA B 98 17.21 -16.41 1.22
C ALA B 98 18.68 -16.39 1.56
N LEU B 99 19.21 -17.54 1.98
CA LEU B 99 20.64 -17.68 2.24
C LEU B 99 21.47 -17.59 0.95
N MET B 100 20.90 -18.00 -0.18
CA MET B 100 21.59 -17.92 -1.48
C MET B 100 21.53 -16.54 -2.11
N SER B 101 20.89 -15.61 -1.41
CA SER B 101 20.68 -14.27 -1.93
C SER B 101 21.40 -13.28 -1.02
N ASP B 102 21.61 -12.06 -1.51
CA ASP B 102 22.12 -10.98 -0.65
C ASP B 102 21.02 -10.50 0.30
N LYS B 103 21.40 -10.06 1.49
CA LYS B 103 20.45 -9.55 2.47
C LYS B 103 19.42 -8.59 1.89
N GLU B 104 19.85 -7.72 0.98
CA GLU B 104 19.06 -6.56 0.56
C GLU B 104 18.18 -6.80 -0.65
N ASP B 105 18.27 -7.97 -1.27
CA ASP B 105 17.48 -8.19 -2.48
C ASP B 105 16.13 -8.84 -2.22
N LEU B 106 15.16 -8.48 -3.06
CA LEU B 106 13.77 -8.87 -2.83
C LEU B 106 13.50 -10.22 -3.44
N LEU B 107 12.67 -11.00 -2.76
CA LEU B 107 12.37 -12.35 -3.20
C LEU B 107 10.87 -12.49 -3.40
N ILE B 108 10.48 -13.09 -4.52
CA ILE B 108 9.07 -13.28 -4.88
C ILE B 108 8.78 -14.78 -4.97
N VAL B 109 8.28 -15.32 -3.87
CA VAL B 109 8.08 -16.75 -3.74
C VAL B 109 6.75 -17.19 -4.33
N THR B 110 6.80 -18.05 -5.35
CA THR B 110 5.60 -18.52 -6.03
C THR B 110 5.62 -20.02 -6.25
N PRO B 111 4.62 -20.76 -5.70
CA PRO B 111 4.34 -22.14 -6.08
C PRO B 111 4.08 -22.28 -7.57
N SER B 112 4.46 -23.43 -8.13
CA SER B 112 4.46 -23.63 -9.58
C SER B 112 3.18 -24.25 -10.12
N ASP B 113 2.32 -24.73 -9.23
CA ASP B 113 1.07 -25.36 -9.66
C ASP B 113 -0.18 -24.48 -9.50
N HIS B 114 -0.04 -23.20 -9.78
CA HIS B 114 -1.18 -22.28 -9.78
C HIS B 114 -1.53 -21.84 -11.18
N LEU B 115 -2.82 -21.70 -11.44
CA LEU B 115 -3.31 -21.14 -12.69
C LEU B 115 -3.82 -19.74 -12.42
N ILE B 116 -3.27 -18.76 -13.13
CA ILE B 116 -3.65 -17.36 -12.97
C ILE B 116 -3.98 -16.78 -14.35
N LYS B 117 -5.25 -16.44 -14.55
CA LYS B 117 -5.76 -16.06 -15.85
C LYS B 117 -5.71 -14.57 -16.15
N ASP B 118 -5.96 -13.73 -15.13
CA ASP B 118 -5.86 -12.29 -15.30
C ASP B 118 -4.44 -11.83 -14.98
N LEU B 119 -3.64 -11.68 -16.02
CA LEU B 119 -2.22 -11.39 -15.87
C LEU B 119 -1.94 -9.92 -15.52
N GLN B 120 -2.86 -9.02 -15.86
CA GLN B 120 -2.68 -7.61 -15.51
C GLN B 120 -2.90 -7.34 -14.02
N ALA B 121 -3.93 -7.98 -13.47
CA ALA B 121 -4.20 -7.95 -12.03
C ALA B 121 -3.04 -8.52 -11.23
N TYR B 122 -2.50 -9.64 -11.70
CA TYR B 122 -1.30 -10.23 -11.13
C TYR B 122 -0.15 -9.22 -11.06
N GLU B 123 0.19 -8.61 -12.20
CA GLU B 123 1.28 -7.63 -12.25
C GLU B 123 1.11 -6.46 -11.30
N ASN B 124 -0.14 -6.04 -11.09
CA ASN B 124 -0.46 -4.94 -10.17
C ASN B 124 -0.31 -5.34 -8.71
N ALA B 125 -0.87 -6.49 -8.35
CA ALA B 125 -0.72 -7.07 -7.02
C ALA B 125 0.76 -7.27 -6.68
N ILE B 126 1.52 -7.82 -7.61
CA ILE B 126 2.95 -8.01 -7.43
C ILE B 126 3.64 -6.68 -7.14
N LYS B 127 3.29 -5.64 -7.91
CA LYS B 127 3.90 -4.32 -7.75
C LYS B 127 3.62 -3.71 -6.37
N LYS B 128 2.40 -3.88 -5.87
CA LYS B 128 2.02 -3.43 -4.53
C LYS B 128 2.84 -4.17 -3.48
N ALA B 129 2.91 -5.49 -3.63
CA ALA B 129 3.66 -6.38 -2.75
C ALA B 129 5.12 -5.99 -2.67
N ILE B 130 5.73 -5.73 -3.82
CA ILE B 130 7.11 -5.26 -3.89
C ILE B 130 7.29 -4.03 -3.01
N ASP B 131 6.37 -3.06 -3.15
CA ASP B 131 6.52 -1.81 -2.42
C ASP B 131 6.36 -2.01 -0.93
N LEU B 132 5.38 -2.82 -0.55
CA LEU B 132 5.22 -3.20 0.84
C LEU B 132 6.44 -3.92 1.42
N ALA B 133 7.03 -4.81 0.62
CA ALA B 133 8.23 -5.55 1.01
C ALA B 133 9.42 -4.63 1.29
N GLN B 134 9.49 -3.50 0.59
CA GLN B 134 10.60 -2.56 0.81
C GLN B 134 10.47 -1.74 2.10
N LYS B 135 9.29 -1.80 2.72
CA LYS B 135 9.06 -1.15 4.02
C LYS B 135 9.44 -2.08 5.18
N GLY B 136 9.86 -3.30 4.83
CA GLY B 136 10.29 -4.30 5.80
C GLY B 136 9.19 -5.26 6.20
N PHE B 137 8.17 -5.36 5.36
CA PHE B 137 7.06 -6.29 5.61
C PHE B 137 7.25 -7.66 4.94
N LEU B 138 6.60 -8.67 5.52
CA LEU B 138 6.44 -9.98 4.88
C LEU B 138 5.06 -9.99 4.24
N VAL B 139 5.05 -10.00 2.92
CA VAL B 139 3.83 -9.81 2.19
C VAL B 139 3.25 -11.15 1.77
N THR B 140 1.94 -11.23 1.85
CA THR B 140 1.19 -12.43 1.63
C THR B 140 0.01 -11.98 0.76
N PHE B 141 -0.72 -12.91 0.16
CA PHE B 141 -1.77 -12.55 -0.79
C PHE B 141 -3.08 -13.25 -0.47
N GLY B 142 -4.15 -12.47 -0.37
CA GLY B 142 -5.48 -13.00 -0.03
C GLY B 142 -6.38 -13.18 -1.23
N VAL B 143 -7.21 -14.21 -1.17
CA VAL B 143 -8.19 -14.54 -2.21
C VAL B 143 -9.54 -14.70 -1.54
N SER B 144 -10.59 -14.14 -2.16
CA SER B 144 -11.96 -14.25 -1.66
C SER B 144 -12.37 -15.70 -1.42
N ILE B 145 -13.13 -15.92 -0.35
CA ILE B 145 -13.55 -17.25 0.04
C ILE B 145 -14.95 -17.55 -0.50
N ASP B 146 -15.04 -18.57 -1.36
CA ASP B 146 -16.34 -19.05 -1.83
C ASP B 146 -16.72 -20.37 -1.14
N LYS B 147 -15.91 -21.39 -1.33
CA LYS B 147 -16.13 -22.68 -0.69
C LYS B 147 -15.13 -22.86 0.45
N PRO B 148 -15.62 -22.82 1.71
CA PRO B 148 -14.77 -22.97 2.90
C PRO B 148 -14.15 -24.37 3.02
N ASN B 149 -13.05 -24.59 2.31
CA ASN B 149 -12.30 -25.84 2.45
C ASN B 149 -11.05 -25.66 3.33
N THR B 150 -10.73 -26.71 4.06
CA THR B 150 -9.74 -26.66 5.13
C THR B 150 -8.34 -27.03 4.66
N GLU B 151 -8.17 -27.16 3.33
CA GLU B 151 -6.86 -27.42 2.75
C GLU B 151 -6.13 -26.11 2.41
N PHE B 152 -6.75 -25.00 2.77
CA PHE B 152 -6.13 -23.68 2.61
C PHE B 152 -5.73 -23.06 3.93
N GLY B 153 -4.83 -22.09 3.85
CA GLY B 153 -4.58 -21.18 4.97
C GLY B 153 -5.58 -20.05 4.95
N TYR B 154 -5.84 -19.48 6.12
CA TYR B 154 -6.82 -18.41 6.27
C TYR B 154 -6.13 -17.16 6.78
N ILE B 155 -6.26 -16.07 6.04
CA ILE B 155 -5.69 -14.81 6.50
C ILE B 155 -6.82 -13.94 7.07
N GLU B 156 -6.66 -13.53 8.32
CA GLU B 156 -7.62 -12.64 8.95
C GLU B 156 -7.25 -11.21 8.62
N SER B 157 -8.05 -10.58 7.78
CA SER B 157 -7.82 -9.21 7.38
C SER B 157 -9.13 -8.45 7.34
N PRO B 158 -9.31 -7.51 8.27
CA PRO B 158 -10.51 -6.68 8.28
C PRO B 158 -10.58 -5.74 7.06
N ASN B 159 -9.50 -5.02 6.79
CA ASN B 159 -9.46 -4.01 5.74
C ASN B 159 -8.89 -4.52 4.42
N GLY B 160 -8.21 -5.66 4.45
CA GLY B 160 -7.57 -6.21 3.26
C GLY B 160 -6.13 -5.76 3.07
N LEU B 161 -5.52 -5.23 4.13
CA LEU B 161 -4.10 -4.88 4.16
C LEU B 161 -3.44 -5.34 5.46
N ASP B 162 -4.01 -4.96 6.60
CA ASP B 162 -3.48 -5.38 7.89
C ASP B 162 -4.03 -6.76 8.21
N VAL B 163 -3.15 -7.67 8.62
CA VAL B 163 -3.60 -9.00 9.02
C VAL B 163 -3.59 -9.12 10.55
N LYS B 164 -4.71 -9.54 11.11
CA LYS B 164 -4.81 -9.71 12.55
C LYS B 164 -4.20 -11.05 12.95
N ARG B 165 -4.39 -12.07 12.12
CA ARG B 165 -3.66 -13.34 12.27
C ARG B 165 -3.68 -14.23 11.02
N PHE B 166 -2.80 -15.22 11.03
CA PHE B 166 -2.63 -16.20 9.96
C PHE B 166 -2.95 -17.60 10.52
N ILE B 167 -3.88 -18.32 9.90
CA ILE B 167 -4.26 -19.64 10.37
C ILE B 167 -3.95 -20.66 9.29
N GLU B 168 -2.94 -21.51 9.53
CA GLU B 168 -2.71 -22.62 8.62
C GLU B 168 -3.74 -23.71 8.88
N LYS B 169 -4.48 -24.03 7.82
CA LYS B 169 -5.47 -25.13 7.78
C LYS B 169 -6.34 -25.26 9.03
N PRO B 170 -7.51 -24.58 9.03
CA PRO B 170 -8.40 -24.58 10.19
C PRO B 170 -9.27 -25.84 10.26
N SER B 171 -10.05 -25.96 11.32
CA SER B 171 -11.07 -27.00 11.44
C SER B 171 -12.19 -26.70 10.45
N LEU B 172 -13.03 -27.69 10.17
CA LEU B 172 -14.21 -27.45 9.32
C LEU B 172 -15.24 -26.58 10.06
N ASP B 173 -15.27 -26.70 11.39
CA ASP B 173 -16.04 -25.81 12.25
C ASP B 173 -15.61 -24.38 11.99
N LYS B 174 -14.31 -24.15 12.08
CA LYS B 174 -13.72 -22.82 11.96
C LYS B 174 -13.84 -22.27 10.55
N ALA B 175 -13.68 -23.12 9.54
CA ALA B 175 -13.78 -22.69 8.14
C ALA B 175 -15.15 -22.12 7.82
N ILE B 176 -16.18 -22.74 8.38
CA ILE B 176 -17.58 -22.30 8.24
C ILE B 176 -17.86 -21.14 9.19
N GLU B 177 -17.16 -21.12 10.32
CA GLU B 177 -17.27 -20.01 11.27
C GLU B 177 -16.65 -18.74 10.71
N PHE B 178 -15.55 -18.88 9.97
CA PHE B 178 -14.87 -17.73 9.38
C PHE B 178 -15.58 -17.27 8.10
N GLN B 179 -16.44 -18.15 7.57
CA GLN B 179 -17.30 -17.85 6.44
C GLN B 179 -18.36 -16.83 6.86
N LYS B 180 -19.00 -17.12 7.99
CA LYS B 180 -20.03 -16.26 8.56
C LYS B 180 -19.44 -14.99 9.19
N SER B 181 -18.18 -15.08 9.64
CA SER B 181 -17.51 -13.96 10.31
C SER B 181 -17.27 -12.78 9.36
N GLY B 182 -16.74 -13.08 8.18
CA GLY B 182 -16.25 -12.04 7.28
C GLY B 182 -14.88 -11.56 7.71
N GLY B 183 -14.16 -10.94 6.78
CA GLY B 183 -12.81 -10.46 7.07
C GLY B 183 -11.77 -11.56 7.03
N PHE B 184 -12.07 -12.65 6.30
CA PHE B 184 -11.11 -13.73 6.09
C PHE B 184 -10.86 -13.99 4.61
N TYR B 185 -9.61 -14.32 4.30
CA TYR B 185 -9.19 -14.60 2.95
C TYR B 185 -8.47 -15.93 2.93
N PHE B 186 -8.47 -16.59 1.77
CA PHE B 186 -7.62 -17.74 1.53
C PHE B 186 -6.16 -17.32 1.32
N ASN B 187 -5.25 -18.05 1.94
CA ASN B 187 -3.84 -17.84 1.71
C ASN B 187 -3.44 -18.38 0.33
N SER B 188 -2.88 -17.51 -0.50
CA SER B 188 -2.53 -17.88 -1.87
C SER B 188 -1.31 -18.80 -1.95
N GLY B 189 -0.54 -18.89 -0.88
CA GLY B 189 0.70 -19.65 -0.91
C GLY B 189 1.84 -18.90 -1.58
N MET B 190 1.58 -17.68 -2.06
CA MET B 190 2.64 -16.80 -2.54
C MET B 190 3.12 -15.80 -1.48
N PHE B 191 4.38 -15.39 -1.58
CA PHE B 191 4.96 -14.41 -0.67
C PHE B 191 5.96 -13.51 -1.39
N VAL B 192 6.05 -12.26 -0.93
CA VAL B 192 7.13 -11.37 -1.33
C VAL B 192 7.72 -10.79 -0.04
N PHE B 193 9.03 -10.54 -0.05
CA PHE B 193 9.79 -10.04 1.12
C PHE B 193 11.27 -9.90 0.78
N GLN B 194 11.93 -8.94 1.42
CA GLN B 194 13.38 -8.82 1.31
C GLN B 194 13.98 -10.01 2.07
N ALA B 195 15.13 -10.50 1.61
CA ALA B 195 15.76 -11.68 2.17
C ALA B 195 16.30 -11.42 3.58
N GLY B 196 16.70 -10.19 3.85
CA GLY B 196 17.23 -9.84 5.17
C GLY B 196 16.16 -9.89 6.24
N VAL B 197 15.02 -9.24 5.99
CA VAL B 197 13.94 -9.25 6.97
C VAL B 197 13.40 -10.66 7.19
N PHE B 198 13.24 -11.43 6.10
CA PHE B 198 12.84 -12.82 6.24
C PHE B 198 13.75 -13.62 7.15
N LEU B 199 15.04 -13.51 6.89
CA LEU B 199 16.01 -14.26 7.70
C LEU B 199 15.91 -13.82 9.15
N ASP B 200 15.81 -12.51 9.38
CA ASP B 200 15.62 -11.91 10.70
CA ASP B 200 15.63 -11.95 10.72
C ASP B 200 14.35 -12.42 11.37
N GLU B 201 13.28 -12.51 10.60
CA GLU B 201 12.02 -13.01 11.15
C GLU B 201 12.14 -14.48 11.46
N LEU B 202 12.88 -15.21 10.62
CA LEU B 202 13.16 -16.61 10.89
C LEU B 202 14.00 -16.77 12.18
N LYS B 203 15.11 -16.06 12.30
CA LYS B 203 15.89 -16.10 13.57
C LYS B 203 15.00 -15.85 14.78
N LYS B 204 14.07 -14.90 14.67
CA LYS B 204 13.19 -14.52 15.79
C LYS B 204 12.23 -15.61 16.21
N HIS B 205 11.69 -16.33 15.25
CA HIS B 205 10.54 -17.16 15.50
C HIS B 205 10.77 -18.66 15.29
N ALA B 206 11.74 -19.01 14.48
CA ALA B 206 12.15 -20.40 14.25
C ALA B 206 13.67 -20.51 14.17
N PRO B 207 14.37 -20.13 15.27
CA PRO B 207 15.83 -20.07 15.22
C PRO B 207 16.50 -21.40 14.91
N THR B 208 15.95 -22.50 15.42
CA THR B 208 16.52 -23.82 15.15
C THR B 208 16.25 -24.31 13.70
N ILE B 209 15.11 -23.92 13.13
CA ILE B 209 14.88 -24.14 11.70
C ILE B 209 15.90 -23.37 10.88
N LEU B 210 16.13 -22.11 11.24
CA LEU B 210 17.17 -21.34 10.58
C LEU B 210 18.57 -21.95 10.78
N LYS B 211 18.79 -22.56 11.94
CA LYS B 211 20.07 -23.20 12.27
C LYS B 211 20.30 -24.41 11.36
N GLY B 212 19.27 -25.24 11.25
CA GLY B 212 19.27 -26.37 10.33
C GLY B 212 19.64 -25.96 8.91
N CYS B 213 19.01 -24.90 8.43
CA CYS B 213 19.21 -24.44 7.05
C CYS B 213 20.55 -23.79 6.81
N GLU B 214 21.11 -23.12 7.82
CA GLU B 214 22.45 -22.55 7.71
C GLU B 214 23.48 -23.66 7.60
N ARG B 215 23.33 -24.67 8.46
CA ARG B 215 24.17 -25.85 8.45
C ARG B 215 24.03 -26.64 7.13
N ALA B 216 22.82 -26.66 6.59
CA ALA B 216 22.55 -27.32 5.29
C ALA B 216 23.12 -26.53 4.12
N PHE B 217 23.22 -25.21 4.30
CA PHE B 217 23.75 -24.30 3.30
C PHE B 217 25.26 -24.52 3.16
N GLU B 218 25.88 -25.01 4.23
CA GLU B 218 27.32 -25.33 4.25
C GLU B 218 27.65 -26.47 3.30
N SER B 219 26.73 -27.42 3.18
CA SER B 219 26.98 -28.63 2.41
C SER B 219 26.26 -28.61 1.05
N LEU B 220 26.20 -27.41 0.47
CA LEU B 220 25.66 -27.22 -0.86
C LEU B 220 26.68 -27.64 -1.89
N GLU B 221 26.33 -28.64 -2.70
CA GLU B 221 27.16 -29.01 -3.85
C GLU B 221 26.84 -28.06 -4.98
N ASN B 222 27.79 -27.18 -5.29
CA ASN B 222 27.59 -26.19 -6.34
C ASN B 222 28.25 -26.58 -7.65
N ALA B 223 27.55 -26.31 -8.75
CA ALA B 223 28.05 -26.66 -10.06
C ALA B 223 27.59 -25.64 -11.07
N TYR B 224 28.27 -25.64 -12.22
CA TYR B 224 27.84 -24.85 -13.38
C TYR B 224 27.68 -25.84 -14.53
N PHE B 225 26.47 -25.93 -15.08
CA PHE B 225 26.13 -26.99 -16.00
C PHE B 225 25.23 -26.52 -17.13
N PHE B 226 25.82 -26.38 -18.32
CA PHE B 226 25.14 -25.81 -19.47
C PHE B 226 24.52 -24.47 -19.09
N GLU B 227 25.41 -23.58 -18.62
CA GLU B 227 25.10 -22.18 -18.34
C GLU B 227 24.03 -21.94 -17.27
N LYS B 228 23.83 -22.94 -16.43
CA LYS B 228 22.92 -22.84 -15.29
C LYS B 228 23.71 -23.07 -14.01
N LYS B 229 23.54 -22.19 -13.03
CA LYS B 229 24.07 -22.47 -11.72
C LYS B 229 23.14 -23.42 -11.00
N ILE B 230 23.59 -24.65 -10.86
CA ILE B 230 22.89 -25.68 -10.14
C ILE B 230 23.50 -25.71 -8.74
N ALA B 231 22.67 -25.97 -7.74
CA ALA B 231 23.14 -26.26 -6.38
C ALA B 231 22.24 -27.34 -5.79
N ARG B 232 22.80 -28.51 -5.45
CA ARG B 232 21.96 -29.53 -4.81
C ARG B 232 22.36 -29.91 -3.41
N LEU B 233 21.40 -30.45 -2.67
CA LEU B 233 21.62 -30.96 -1.33
C LEU B 233 21.40 -32.45 -1.27
N SER B 234 22.39 -33.15 -0.72
CA SER B 234 22.36 -34.60 -0.57
C SER B 234 21.32 -35.03 0.46
N GLU B 235 20.97 -36.32 0.44
CA GLU B 235 20.07 -36.92 1.41
C GLU B 235 20.70 -36.89 2.79
N LYS B 236 22.03 -36.87 2.83
CA LYS B 236 22.79 -36.75 4.08
C LYS B 236 22.52 -35.39 4.70
N SER B 237 22.52 -34.35 3.86
CA SER B 237 22.41 -32.97 4.32
C SER B 237 21.01 -32.55 4.70
N MET B 238 20.02 -33.09 4.01
CA MET B 238 18.62 -32.77 4.25
C MET B 238 17.97 -33.68 5.29
N GLN B 239 18.70 -34.68 5.77
CA GLN B 239 18.10 -35.80 6.51
C GLN B 239 17.55 -35.40 7.86
N ASP B 240 18.22 -34.46 8.51
CA ASP B 240 17.87 -34.01 9.85
C ASP B 240 17.08 -32.69 9.84
N LEU B 241 16.88 -32.13 8.65
CA LEU B 241 16.02 -30.97 8.46
C LEU B 241 14.59 -31.38 8.77
N GLU B 242 13.82 -30.45 9.34
CA GLU B 242 12.43 -30.72 9.68
C GLU B 242 11.51 -30.45 8.49
N ASP B 243 10.46 -31.26 8.36
CA ASP B 243 9.50 -31.09 7.28
C ASP B 243 8.42 -30.12 7.73
N MET B 244 8.49 -28.88 7.24
CA MET B 244 7.61 -27.82 7.70
C MET B 244 7.38 -26.72 6.64
N SER B 245 6.13 -26.33 6.45
CA SER B 245 5.80 -25.22 5.57
C SER B 245 6.17 -23.94 6.30
N ILE B 246 6.54 -22.92 5.55
CA ILE B 246 6.83 -21.61 6.12
C ILE B 246 5.59 -21.02 6.79
N ASP B 247 4.42 -21.54 6.38
CA ASP B 247 3.15 -21.10 6.93
C ASP B 247 3.02 -21.46 8.41
N ILE B 248 3.41 -22.67 8.76
CA ILE B 248 3.41 -23.09 10.16
C ILE B 248 4.64 -22.49 10.85
N ALA B 249 5.81 -22.75 10.28
CA ALA B 249 7.07 -22.29 10.86
C ALA B 249 7.07 -20.80 11.18
N LEU B 250 6.65 -19.98 10.23
CA LEU B 250 6.84 -18.53 10.41
C LEU B 250 5.57 -17.68 10.46
N MET B 251 4.68 -17.90 9.50
CA MET B 251 3.65 -16.92 9.22
C MET B 251 2.56 -16.83 10.31
N GLN B 252 2.54 -17.77 11.25
CA GLN B 252 1.54 -17.77 12.32
C GLN B 252 2.00 -16.96 13.54
N GLN B 253 3.24 -16.46 13.50
CA GLN B 253 3.83 -15.72 14.63
C GLN B 253 4.60 -14.46 14.27
N SER B 254 4.82 -14.21 12.99
CA SER B 254 5.49 -12.99 12.56
C SER B 254 4.57 -11.78 12.73
N HIS B 255 5.16 -10.66 13.15
CA HIS B 255 4.43 -9.42 13.41
C HIS B 255 4.43 -8.47 12.24
N LYS B 256 5.00 -8.89 11.11
CA LYS B 256 5.24 -7.98 9.99
C LYS B 256 4.48 -8.39 8.74
N ILE B 257 3.36 -9.09 8.91
CA ILE B 257 2.65 -9.61 7.75
C ILE B 257 1.65 -8.59 7.24
N LYS B 258 1.76 -8.26 5.96
CA LYS B 258 0.76 -7.47 5.28
C LYS B 258 0.13 -8.33 4.19
N MET B 259 -1.12 -8.02 3.85
CA MET B 259 -1.82 -8.74 2.80
C MET B 259 -1.92 -7.85 1.57
N VAL B 260 -2.21 -8.46 0.42
CA VAL B 260 -2.52 -7.78 -0.83
C VAL B 260 -3.61 -8.66 -1.45
N GLU B 261 -4.73 -8.08 -1.85
CA GLU B 261 -5.83 -8.90 -2.39
C GLU B 261 -5.52 -9.36 -3.80
N LEU B 262 -5.92 -10.58 -4.13
CA LEU B 262 -5.75 -11.14 -5.47
C LEU B 262 -7.07 -11.39 -6.19
N ASN B 263 -7.41 -10.49 -7.12
CA ASN B 263 -8.57 -10.66 -7.98
C ASN B 263 -8.09 -11.00 -9.40
N ALA B 264 -7.57 -12.21 -9.58
CA ALA B 264 -6.89 -12.59 -10.83
C ALA B 264 -7.24 -13.97 -11.38
N LYS B 265 -8.44 -14.46 -11.07
CA LYS B 265 -8.94 -15.78 -11.49
C LYS B 265 -8.02 -16.93 -11.08
N TRP B 266 -7.54 -16.85 -9.84
CA TRP B 266 -6.56 -17.78 -9.27
C TRP B 266 -7.16 -19.17 -9.02
N SER B 267 -6.52 -20.17 -9.61
CA SER B 267 -6.94 -21.56 -9.48
C SER B 267 -5.79 -22.37 -8.90
N ASP B 268 -6.12 -23.43 -8.18
CA ASP B 268 -5.13 -24.28 -7.53
C ASP B 268 -5.32 -25.74 -7.89
#